data_5M1Z
#
_entry.id   5M1Z
#
_cell.length_a   105.222
_cell.length_b   105.222
_cell.length_c   140.234
_cell.angle_alpha   90.00
_cell.angle_beta   90.00
_cell.angle_gamma   90.00
#
_symmetry.space_group_name_H-M   'I 41 2 2'
#
loop_
_entity.id
_entity.type
_entity.pdbx_description
1 polymer Exo-1,5-alpha-L-arabinofuranobiosidase
2 branched alpha-L-arabinofuranose-(1-5)-(Z)-L-Arabinonhydroximo-1,4-lactone
3 non-polymer 'SULFATE ION'
4 non-polymer 'MANGANESE (II) ION'
5 non-polymer 1,2-ETHANEDIOL
6 non-polymer GLYCEROL
7 water water
#
_entity_poly.entity_id   1
_entity_poly.type   'polypeptide(L)'
_entity_poly.pdbx_seq_one_letter_code
;AMKPAQKGKTFSNVEIFDPPTNYRDPQVLYARPLELSDGTLLGTWENYSPEPPNVWFPIVKSKDGGKTWKEISKVKDTQN
NWGLRYQPQLYELPRAFGKYPKGTVLCSGSSIPSDLSETLIEVYASRDKGYTWEFVSHVALGGEALPNPGLTPVWEPFLM
TYKEKLILYYSDQRDNATHSQKLVHQTTTDLKKWSKVVDDTKYANYYARPGMPTVAKLPNNEYIYVYEYGGGPNPPAGSD
YWFPVYYRLSKDPQKFLNKAHHQIVSNDGTTPAGSPYVVWTPYGGKNGTIVVSCGTRSEIFTNQALGDASAWKKWDVPQP
TAYTRSLLTFQKDPDLLMIMGAGILPPAGGKNTVSASVVRLSEVMKS
;
_entity_poly.pdbx_strand_id   A
#
# COMPACT_ATOMS: atom_id res chain seq x y z
N GLY A 8 -22.62 8.07 15.64
CA GLY A 8 -21.49 7.09 15.70
C GLY A 8 -20.54 7.08 14.48
N LYS A 9 -19.36 6.55 14.69
CA LYS A 9 -18.29 6.57 13.69
C LYS A 9 -18.04 5.20 13.09
N THR A 10 -18.45 4.13 13.76
CA THR A 10 -18.11 2.79 13.31
C THR A 10 -19.16 2.25 12.35
N PHE A 11 -18.74 1.33 11.51
CA PHE A 11 -19.61 0.67 10.59
C PHE A 11 -18.85 -0.52 10.03
N SER A 12 -19.62 -1.40 9.42
CA SER A 12 -19.13 -2.67 8.94
C SER A 12 -19.56 -2.90 7.50
N ASN A 13 -18.60 -3.18 6.64
CA ASN A 13 -18.89 -3.61 5.29
C ASN A 13 -19.74 -2.64 4.46
N VAL A 14 -19.39 -1.37 4.46
CA VAL A 14 -20.06 -0.44 3.63
C VAL A 14 -19.48 -0.56 2.22
N GLU A 15 -20.36 -0.71 1.23
CA GLU A 15 -19.91 -0.89 -0.13
C GLU A 15 -19.53 0.45 -0.73
N ILE A 16 -18.35 0.55 -1.31
CA ILE A 16 -17.89 1.78 -1.97
C ILE A 16 -18.17 1.70 -3.46
N PHE A 17 -17.87 0.58 -4.09
CA PHE A 17 -18.02 0.43 -5.51
C PHE A 17 -18.28 -1.01 -5.88
N ASP A 18 -19.32 -1.22 -6.67
CA ASP A 18 -19.62 -2.52 -7.20
C ASP A 18 -19.41 -2.43 -8.71
N PRO A 19 -18.47 -3.21 -9.27
CA PRO A 19 -18.18 -2.96 -10.70
C PRO A 19 -19.27 -3.42 -11.64
N PRO A 20 -19.39 -2.76 -12.79
CA PRO A 20 -20.19 -3.35 -13.88
C PRO A 20 -19.75 -4.83 -14.14
N THR A 21 -20.70 -5.67 -14.52
CA THR A 21 -20.40 -7.09 -14.58
C THR A 21 -19.46 -7.47 -15.72
N ASN A 22 -19.34 -6.56 -16.68
CA ASN A 22 -18.47 -6.74 -17.82
C ASN A 22 -17.04 -6.26 -17.61
N TYR A 23 -16.73 -5.77 -16.42
CA TYR A 23 -15.34 -5.45 -16.13
C TYR A 23 -14.51 -6.70 -16.18
N ARG A 24 -13.26 -6.55 -16.56
CA ARG A 24 -12.35 -7.65 -16.70
C ARG A 24 -11.86 -8.14 -15.34
N ASP A 25 -11.86 -9.46 -15.18
CA ASP A 25 -11.37 -10.11 -13.94
C ASP A 25 -9.98 -9.64 -13.52
N PRO A 26 -9.72 -9.20 -12.28
CA PRO A 26 -10.63 -9.29 -11.13
C PRO A 26 -11.61 -8.14 -10.97
N GLN A 27 -11.70 -7.24 -11.91
CA GLN A 27 -12.69 -6.17 -11.95
C GLN A 27 -12.27 -4.98 -11.10
N VAL A 28 -12.03 -5.24 -9.84
CA VAL A 28 -11.43 -4.29 -8.93
C VAL A 28 -10.41 -5.01 -8.10
N LEU A 29 -9.42 -4.24 -7.60
CA LEU A 29 -8.35 -4.76 -6.75
C LEU A 29 -7.60 -3.60 -6.11
N TYR A 30 -6.98 -3.84 -4.94
CA TYR A 30 -5.92 -2.92 -4.45
C TYR A 30 -6.47 -1.60 -4.01
N ALA A 31 -7.30 -1.63 -2.99
CA ALA A 31 -7.92 -0.45 -2.49
C ALA A 31 -6.95 0.31 -1.60
N ARG A 32 -7.07 1.62 -1.65
CA ARG A 32 -6.23 2.54 -0.89
C ARG A 32 -7.01 3.78 -0.47
N PRO A 33 -6.92 4.13 0.83
CA PRO A 33 -7.64 5.28 1.32
C PRO A 33 -6.65 6.34 1.74
N LEU A 34 -7.17 7.52 1.96
CA LEU A 34 -6.38 8.66 2.42
C LEU A 34 -7.25 9.62 3.23
N GLU A 35 -6.74 10.10 4.35
CA GLU A 35 -7.43 11.18 5.07
C GLU A 35 -6.72 12.50 4.85
N LEU A 36 -7.44 13.50 4.35
CA LEU A 36 -6.92 14.85 4.23
C LEU A 36 -6.93 15.63 5.52
N SER A 37 -6.20 16.74 5.50
CA SER A 37 -6.05 17.53 6.72
C SER A 37 -7.41 18.12 7.15
N ASP A 38 -8.34 18.31 6.22
CA ASP A 38 -9.69 18.78 6.62
C ASP A 38 -10.68 17.68 7.06
N GLY A 39 -10.21 16.44 7.25
CA GLY A 39 -11.05 15.30 7.54
C GLY A 39 -11.75 14.58 6.39
N THR A 40 -11.74 15.13 5.18
CA THR A 40 -12.24 14.43 4.01
C THR A 40 -11.48 13.09 3.80
N LEU A 41 -12.17 12.05 3.33
CA LEU A 41 -11.49 10.81 2.94
C LEU A 41 -11.50 10.65 1.43
N LEU A 42 -10.37 10.23 0.88
CA LEU A 42 -10.34 9.83 -0.52
C LEU A 42 -10.01 8.38 -0.61
N GLY A 43 -10.41 7.78 -1.71
CA GLY A 43 -10.14 6.41 -1.95
C GLY A 43 -9.89 6.11 -3.42
N THR A 44 -9.18 5.05 -3.69
CA THR A 44 -8.96 4.62 -5.05
C THR A 44 -8.71 3.09 -5.12
N TRP A 45 -8.63 2.57 -6.34
CA TRP A 45 -8.38 1.14 -6.59
C TRP A 45 -7.99 0.89 -8.04
N GLU A 46 -7.52 -0.31 -8.36
CA GLU A 46 -7.25 -0.75 -9.74
C GLU A 46 -8.61 -1.04 -10.33
N ASN A 47 -8.92 -0.42 -11.46
CA ASN A 47 -10.24 -0.44 -12.08
C ASN A 47 -10.12 -1.06 -13.47
N TYR A 48 -10.53 -2.31 -13.57
CA TYR A 48 -10.27 -3.12 -14.75
C TYR A 48 -11.39 -2.96 -15.80
N SER A 49 -11.57 -1.74 -16.26
CA SER A 49 -12.56 -1.43 -17.27
C SER A 49 -12.17 -1.99 -18.66
N PRO A 50 -13.15 -2.22 -19.53
CA PRO A 50 -12.83 -2.58 -20.92
C PRO A 50 -12.21 -1.38 -21.62
N GLU A 51 -11.12 -1.58 -22.34
CA GLU A 51 -10.38 -0.48 -22.99
C GLU A 51 -10.60 -0.51 -24.52
N PRO A 52 -10.57 0.61 -25.22
CA PRO A 52 -10.43 1.94 -24.69
C PRO A 52 -11.71 2.38 -24.04
N PRO A 53 -11.71 3.50 -23.34
CA PRO A 53 -10.51 4.29 -23.06
C PRO A 53 -9.55 3.60 -22.10
N ASN A 54 -8.32 4.07 -22.12
CA ASN A 54 -7.27 3.49 -21.26
C ASN A 54 -7.75 3.49 -19.78
N VAL A 55 -7.40 2.44 -19.03
CA VAL A 55 -7.72 2.38 -17.59
C VAL A 55 -7.25 3.61 -16.83
N TRP A 56 -8.01 3.93 -15.79
CA TRP A 56 -7.71 5.06 -14.92
C TRP A 56 -7.86 4.62 -13.47
N PHE A 57 -7.37 5.43 -12.57
CA PHE A 57 -7.65 5.28 -11.15
C PHE A 57 -8.83 6.14 -10.72
N PRO A 58 -9.95 5.54 -10.26
CA PRO A 58 -11.10 6.34 -9.74
C PRO A 58 -10.74 6.96 -8.41
N ILE A 59 -11.28 8.15 -8.19
CA ILE A 59 -11.12 8.86 -6.94
C ILE A 59 -12.49 9.07 -6.34
N VAL A 60 -12.73 8.41 -5.25
CA VAL A 60 -13.95 8.62 -4.45
C VAL A 60 -13.67 9.45 -3.23
N LYS A 61 -14.71 10.15 -2.80
CA LYS A 61 -14.60 11.05 -1.65
C LYS A 61 -15.72 10.76 -0.64
N SER A 62 -15.41 10.86 0.65
CA SER A 62 -16.39 10.76 1.73
C SER A 62 -16.19 11.93 2.68
N LYS A 63 -17.29 12.64 2.96
CA LYS A 63 -17.22 13.68 3.97
C LYS A 63 -17.81 13.20 5.32
N ASP A 64 -18.20 11.95 5.49
CA ASP A 64 -18.77 11.51 6.75
C ASP A 64 -18.06 10.33 7.32
N GLY A 65 -16.73 10.33 7.22
CA GLY A 65 -15.92 9.32 7.88
C GLY A 65 -16.07 7.96 7.26
N GLY A 66 -16.49 7.92 6.00
CA GLY A 66 -16.55 6.65 5.26
C GLY A 66 -17.89 6.00 5.10
N LYS A 67 -18.94 6.61 5.65
CA LYS A 67 -20.27 5.98 5.57
C LYS A 67 -20.84 6.07 4.17
N THR A 68 -20.55 7.16 3.47
CA THR A 68 -21.01 7.29 2.08
C THR A 68 -19.89 7.93 1.23
N TRP A 69 -19.96 7.63 -0.05
CA TRP A 69 -18.90 7.86 -1.01
C TRP A 69 -19.48 8.29 -2.33
N LYS A 70 -18.70 9.04 -3.08
CA LYS A 70 -19.09 9.56 -4.37
C LYS A 70 -17.81 9.73 -5.17
N GLU A 71 -17.84 9.33 -6.43
CA GLU A 71 -16.72 9.53 -7.32
C GLU A 71 -16.64 11.03 -7.62
N ILE A 72 -15.47 11.61 -7.45
CA ILE A 72 -15.26 13.00 -7.82
C ILE A 72 -14.33 13.18 -8.99
N SER A 73 -13.52 12.18 -9.38
CA SER A 73 -12.56 12.40 -10.45
C SER A 73 -11.94 11.08 -10.82
N LYS A 74 -11.11 11.16 -11.84
CA LYS A 74 -10.28 10.08 -12.25
C LYS A 74 -8.85 10.54 -12.47
N VAL A 75 -7.89 9.73 -12.06
CA VAL A 75 -6.49 9.93 -12.42
C VAL A 75 -6.24 9.12 -13.71
N LYS A 76 -5.88 9.82 -14.78
CA LYS A 76 -5.66 9.25 -16.11
C LYS A 76 -4.23 9.41 -16.57
N ASP A 77 -3.79 8.48 -17.41
CA ASP A 77 -2.43 8.53 -17.95
C ASP A 77 -2.48 9.56 -19.12
N THR A 78 -1.90 10.72 -18.90
CA THR A 78 -1.85 11.80 -19.92
C THR A 78 -0.58 11.78 -20.75
N GLN A 79 0.37 10.90 -20.41
CA GLN A 79 1.70 10.87 -21.01
C GLN A 79 1.95 9.76 -22.01
N ASN A 80 1.52 8.54 -21.72
CA ASN A 80 2.01 7.35 -22.45
C ASN A 80 1.01 6.74 -23.38
N ASN A 81 -0.23 7.18 -23.32
CA ASN A 81 -1.29 6.47 -23.98
C ASN A 81 -1.35 4.98 -23.63
N TRP A 82 -1.11 4.67 -22.35
CA TRP A 82 -1.20 3.28 -21.86
C TRP A 82 -2.37 3.08 -20.90
N GLY A 83 -2.48 4.00 -19.94
CA GLY A 83 -3.43 3.88 -18.83
C GLY A 83 -2.70 3.82 -17.52
N LEU A 84 -3.40 4.18 -16.44
CA LEU A 84 -2.96 3.94 -15.05
C LEU A 84 -3.60 2.67 -14.52
N ARG A 85 -2.78 1.63 -14.35
CA ARG A 85 -3.29 0.27 -14.31
C ARG A 85 -3.18 -0.43 -12.95
N TYR A 86 -1.99 -0.43 -12.36
CA TYR A 86 -1.74 -1.20 -11.14
C TYR A 86 -1.24 -0.34 -10.01
N GLN A 87 -1.58 -0.79 -8.80
CA GLN A 87 -0.95 -0.41 -7.55
C GLN A 87 -0.99 1.07 -7.25
N PRO A 88 -2.21 1.67 -7.29
CA PRO A 88 -2.27 3.05 -6.87
C PRO A 88 -1.94 3.24 -5.41
N GLN A 89 -1.51 4.47 -5.04
CA GLN A 89 -1.20 4.81 -3.63
C GLN A 89 -1.48 6.30 -3.47
N LEU A 90 -2.33 6.69 -2.52
CA LEU A 90 -2.62 8.07 -2.27
C LEU A 90 -1.80 8.61 -1.11
N TYR A 91 -1.40 9.87 -1.18
CA TYR A 91 -0.57 10.44 -0.11
C TYR A 91 -0.78 11.97 -0.06
N GLU A 92 -0.84 12.57 1.12
CA GLU A 92 -0.99 14.00 1.24
C GLU A 92 0.35 14.56 1.76
N LEU A 93 0.91 15.52 1.02
CA LEU A 93 2.16 16.17 1.42
C LEU A 93 1.99 16.89 2.74
N PRO A 94 2.82 16.54 3.73
CA PRO A 94 2.78 17.20 5.07
C PRO A 94 3.68 18.44 5.09
N ARG A 95 4.37 18.73 3.99
CA ARG A 95 5.18 19.96 3.85
C ARG A 95 5.33 20.13 2.35
N ALA A 96 5.84 21.29 1.91
CA ALA A 96 6.06 21.54 0.50
C ALA A 96 7.27 20.78 -0.05
N PHE A 97 7.17 20.43 -1.34
CA PHE A 97 8.26 19.91 -2.11
C PHE A 97 8.28 20.72 -3.36
N GLY A 98 9.26 21.64 -3.43
CA GLY A 98 9.33 22.61 -4.53
C GLY A 98 8.02 23.33 -4.73
N LYS A 99 7.48 23.29 -5.95
CA LYS A 99 6.27 24.04 -6.23
C LYS A 99 4.98 23.30 -5.85
N TYR A 100 5.09 22.21 -5.11
CA TYR A 100 3.93 21.47 -4.61
C TYR A 100 3.81 21.73 -3.14
N PRO A 101 2.76 22.44 -2.70
CA PRO A 101 2.73 22.81 -1.30
C PRO A 101 2.16 21.74 -0.40
N LYS A 102 2.30 21.97 0.90
CA LYS A 102 1.61 21.23 1.93
C LYS A 102 0.12 21.07 1.59
N GLY A 103 -0.41 19.85 1.75
CA GLY A 103 -1.77 19.56 1.37
C GLY A 103 -2.04 19.12 -0.06
N THR A 104 -1.05 19.23 -0.95
CA THR A 104 -1.13 18.62 -2.27
C THR A 104 -1.37 17.12 -2.08
N VAL A 105 -2.26 16.56 -2.87
CA VAL A 105 -2.49 15.09 -2.86
C VAL A 105 -1.73 14.50 -3.98
N LEU A 106 -0.92 13.49 -3.68
CA LEU A 106 -0.25 12.71 -4.67
C LEU A 106 -0.98 11.39 -4.90
N CYS A 107 -0.97 10.97 -6.15
CA CYS A 107 -1.38 9.60 -6.51
C CYS A 107 -0.23 9.00 -7.25
N SER A 108 0.36 7.95 -6.70
CA SER A 108 1.37 7.25 -7.44
C SER A 108 0.75 5.95 -7.87
N GLY A 109 1.37 5.34 -8.85
CA GLY A 109 0.89 4.06 -9.38
C GLY A 109 1.64 3.70 -10.64
N SER A 110 1.24 2.59 -11.25
CA SER A 110 2.00 2.06 -12.39
C SER A 110 1.20 2.16 -13.69
N SER A 111 1.79 2.87 -14.66
CA SER A 111 1.27 3.00 -16.00
C SER A 111 1.83 1.84 -16.79
N ILE A 112 0.93 1.13 -17.48
CA ILE A 112 1.24 -0.13 -18.09
C ILE A 112 0.32 -0.24 -19.33
N PRO A 113 0.91 -0.53 -20.51
CA PRO A 113 0.09 -0.82 -21.67
C PRO A 113 -0.77 -2.09 -21.51
N SER A 114 -1.86 -2.15 -22.27
CA SER A 114 -2.80 -3.27 -22.22
C SER A 114 -2.14 -4.58 -22.39
N ASP A 115 -1.14 -4.65 -23.23
CA ASP A 115 -0.44 -5.90 -23.38
C ASP A 115 0.54 -6.24 -22.25
N LEU A 116 0.68 -5.36 -21.27
CA LEU A 116 1.51 -5.63 -20.08
C LEU A 116 3.02 -5.66 -20.34
N SER A 117 3.48 -5.10 -21.46
CA SER A 117 4.90 -5.23 -21.86
C SER A 117 5.90 -4.31 -21.09
N GLU A 118 5.43 -3.25 -20.45
CA GLU A 118 6.26 -2.37 -19.63
C GLU A 118 5.56 -1.92 -18.38
N THR A 119 6.32 -1.37 -17.44
CA THR A 119 5.81 -0.87 -16.17
C THR A 119 6.50 0.48 -15.92
N LEU A 120 5.73 1.46 -15.44
CA LEU A 120 6.28 2.76 -15.27
C LEU A 120 5.60 3.40 -14.07
N ILE A 121 6.37 3.53 -12.99
CA ILE A 121 5.87 4.14 -11.80
C ILE A 121 5.85 5.66 -12.02
N GLU A 122 4.65 6.25 -11.87
CA GLU A 122 4.36 7.67 -12.05
C GLU A 122 3.91 8.33 -10.77
N VAL A 123 3.99 9.65 -10.75
CA VAL A 123 3.37 10.49 -9.70
C VAL A 123 2.51 11.55 -10.36
N TYR A 124 1.26 11.61 -9.94
CA TYR A 124 0.30 12.66 -10.31
C TYR A 124 -0.01 13.41 -9.00
N ALA A 125 -0.41 14.65 -9.16
CA ALA A 125 -0.71 15.56 -8.07
C ALA A 125 -2.03 16.29 -8.29
N SER A 126 -2.75 16.52 -7.21
CA SER A 126 -3.96 17.32 -7.20
C SER A 126 -3.71 18.50 -6.27
N ARG A 127 -3.90 19.69 -6.79
CA ARG A 127 -3.78 20.92 -6.00
C ARG A 127 -5.14 21.36 -5.44
N ASP A 128 -6.22 20.60 -5.67
CA ASP A 128 -7.53 20.99 -5.17
C ASP A 128 -8.26 19.85 -4.43
N LYS A 129 -7.52 19.10 -3.62
CA LYS A 129 -8.07 18.07 -2.75
C LYS A 129 -8.79 16.95 -3.47
N GLY A 130 -8.38 16.70 -4.71
CA GLY A 130 -8.76 15.51 -5.39
C GLY A 130 -9.69 15.68 -6.56
N TYR A 131 -10.03 16.91 -6.92
CA TYR A 131 -10.96 17.17 -8.03
C TYR A 131 -10.26 17.13 -9.38
N THR A 132 -9.02 17.64 -9.45
CA THR A 132 -8.25 17.58 -10.69
C THR A 132 -6.82 17.11 -10.45
N TRP A 133 -6.20 16.64 -11.51
CA TRP A 133 -4.90 15.96 -11.41
C TRP A 133 -3.98 16.44 -12.52
N GLU A 134 -2.69 16.49 -12.22
N GLU A 134 -2.70 16.40 -12.24
CA GLU A 134 -1.64 16.81 -13.19
CA GLU A 134 -1.70 16.76 -13.22
C GLU A 134 -0.52 15.82 -13.02
C GLU A 134 -0.52 15.84 -13.03
N PHE A 135 0.06 15.45 -14.16
CA PHE A 135 1.25 14.62 -14.20
C PHE A 135 2.40 15.41 -13.58
N VAL A 136 3.16 14.76 -12.67
CA VAL A 136 4.31 15.41 -12.03
C VAL A 136 5.63 14.87 -12.62
N SER A 137 5.88 13.58 -12.48
CA SER A 137 7.13 12.97 -12.98
C SER A 137 7.02 11.48 -13.16
N HIS A 138 7.88 10.94 -14.02
CA HIS A 138 8.13 9.54 -14.14
C HIS A 138 9.15 9.19 -13.09
N VAL A 139 8.97 8.10 -12.38
CA VAL A 139 9.92 7.69 -11.35
C VAL A 139 10.77 6.55 -11.80
N ALA A 140 10.16 5.42 -12.15
CA ALA A 140 10.93 4.23 -12.45
C ALA A 140 10.30 3.43 -13.57
N LEU A 141 11.13 3.06 -14.56
CA LEU A 141 10.71 2.27 -15.71
C LEU A 141 11.22 0.87 -15.56
N GLY A 142 10.35 -0.09 -15.82
CA GLY A 142 10.69 -1.51 -15.77
C GLY A 142 10.11 -2.21 -16.98
N GLY A 143 10.32 -3.51 -16.99
CA GLY A 143 9.85 -4.36 -18.07
C GLY A 143 8.48 -4.95 -17.81
N GLU A 144 8.31 -6.17 -18.29
CA GLU A 144 7.01 -6.79 -18.46
C GLU A 144 6.30 -7.06 -17.15
N ALA A 145 5.04 -6.68 -17.09
CA ALA A 145 4.23 -6.66 -15.84
C ALA A 145 3.69 -8.04 -15.44
N LEU A 146 4.60 -8.98 -15.22
CA LEU A 146 4.27 -10.32 -14.66
C LEU A 146 5.28 -10.65 -13.62
N PRO A 147 4.85 -11.21 -12.49
CA PRO A 147 5.73 -11.52 -11.36
C PRO A 147 6.59 -12.79 -11.52
N ASN A 148 7.28 -12.95 -12.65
CA ASN A 148 8.05 -14.15 -12.97
C ASN A 148 9.55 -13.83 -12.91
N PRO A 149 10.38 -14.72 -12.31
CA PRO A 149 11.84 -14.54 -12.28
C PRO A 149 12.41 -14.34 -13.67
N GLY A 150 13.31 -13.35 -13.82
CA GLY A 150 13.93 -13.07 -15.12
C GLY A 150 13.33 -11.86 -15.83
N LEU A 151 12.03 -11.59 -15.66
CA LEU A 151 11.43 -10.33 -16.17
C LEU A 151 11.87 -9.14 -15.29
N THR A 152 11.75 -7.92 -15.82
CA THR A 152 12.25 -6.77 -15.14
C THR A 152 11.20 -5.70 -14.72
N PRO A 153 9.96 -6.08 -14.30
CA PRO A 153 9.04 -4.98 -13.81
C PRO A 153 9.42 -4.30 -12.50
N VAL A 154 8.80 -3.16 -12.31
CA VAL A 154 8.77 -2.44 -11.04
C VAL A 154 7.31 -2.38 -10.60
N TRP A 155 7.10 -2.37 -9.29
CA TRP A 155 5.77 -2.40 -8.75
C TRP A 155 5.61 -1.72 -7.43
N GLU A 156 4.37 -1.41 -7.09
CA GLU A 156 3.96 -1.19 -5.68
C GLU A 156 4.61 -0.02 -4.98
N PRO A 157 4.38 1.19 -5.52
CA PRO A 157 4.92 2.38 -4.83
C PRO A 157 4.29 2.67 -3.47
N PHE A 158 5.13 3.10 -2.53
CA PHE A 158 4.67 3.64 -1.27
C PHE A 158 5.47 4.91 -0.94
N LEU A 159 4.76 5.97 -0.57
CA LEU A 159 5.30 7.32 -0.39
C LEU A 159 5.33 7.68 1.09
N MET A 160 6.43 8.29 1.52
CA MET A 160 6.52 8.80 2.86
C MET A 160 7.59 9.92 2.93
N THR A 161 7.34 10.94 3.73
CA THR A 161 8.27 12.04 3.91
C THR A 161 9.29 11.63 4.97
N TYR A 162 10.54 12.06 4.81
CA TYR A 162 11.51 11.94 5.90
C TYR A 162 12.35 13.19 5.86
N LYS A 163 12.20 14.01 6.89
CA LYS A 163 12.85 15.32 6.98
C LYS A 163 12.64 16.13 5.71
N GLU A 164 13.69 16.43 4.99
CA GLU A 164 13.54 17.23 3.78
C GLU A 164 13.38 16.42 2.47
N LYS A 165 13.21 15.10 2.55
CA LYS A 165 13.05 14.27 1.36
C LYS A 165 11.66 13.64 1.31
N LEU A 166 11.20 13.37 0.12
CA LEU A 166 10.09 12.46 -0.07
C LEU A 166 10.70 11.17 -0.60
N ILE A 167 10.33 10.06 0.02
CA ILE A 167 10.88 8.73 -0.32
C ILE A 167 9.76 7.91 -1.00
N LEU A 168 10.09 7.26 -2.10
CA LEU A 168 9.18 6.42 -2.84
C LEU A 168 9.80 5.05 -2.81
N TYR A 169 9.17 4.17 -2.03
CA TYR A 169 9.56 2.83 -1.88
C TYR A 169 8.84 1.96 -2.90
N TYR A 170 9.53 0.96 -3.45
CA TYR A 170 8.88 0.05 -4.37
C TYR A 170 9.62 -1.32 -4.52
N SER A 171 9.02 -2.22 -5.29
CA SER A 171 9.57 -3.55 -5.60
C SER A 171 10.16 -3.48 -6.99
N ASP A 172 11.27 -4.17 -7.19
CA ASP A 172 12.11 -3.97 -8.34
C ASP A 172 12.59 -5.34 -8.80
N GLN A 173 12.26 -5.71 -10.01
CA GLN A 173 12.80 -6.93 -10.64
C GLN A 173 13.93 -6.70 -11.66
N ARG A 174 14.44 -5.49 -11.76
CA ARG A 174 15.46 -5.15 -12.74
C ARG A 174 16.86 -5.67 -12.45
N ASP A 175 17.17 -6.12 -11.22
CA ASP A 175 18.48 -6.76 -10.93
C ASP A 175 18.27 -8.25 -11.14
N ASN A 176 17.88 -8.63 -12.36
CA ASN A 176 17.22 -9.93 -12.63
C ASN A 176 18.20 -11.13 -12.75
N ALA A 177 19.50 -10.83 -12.67
CA ALA A 177 20.49 -11.88 -12.64
C ALA A 177 20.91 -12.19 -11.20
N THR A 178 20.43 -11.45 -10.20
CA THR A 178 20.86 -11.63 -8.82
C THR A 178 19.72 -11.77 -7.83
N HIS A 179 18.61 -11.06 -8.06
CA HIS A 179 17.45 -11.14 -7.22
C HIS A 179 16.20 -11.24 -8.06
N SER A 180 15.42 -12.32 -7.88
CA SER A 180 14.15 -12.45 -8.59
C SER A 180 13.33 -11.14 -8.40
N GLN A 181 13.35 -10.63 -7.17
CA GLN A 181 12.79 -9.36 -6.83
C GLN A 181 13.53 -8.84 -5.60
N LYS A 182 13.71 -7.51 -5.56
CA LYS A 182 14.21 -6.81 -4.35
C LYS A 182 13.40 -5.55 -4.04
N LEU A 183 13.60 -5.00 -2.85
CA LEU A 183 12.94 -3.77 -2.42
C LEU A 183 13.92 -2.61 -2.45
N VAL A 184 13.48 -1.50 -3.03
CA VAL A 184 14.29 -0.36 -3.29
C VAL A 184 13.56 0.93 -3.04
N HIS A 185 14.29 2.04 -3.02
CA HIS A 185 13.60 3.31 -3.01
C HIS A 185 14.36 4.34 -3.77
N GLN A 186 13.68 5.42 -4.11
CA GLN A 186 14.33 6.67 -4.61
C GLN A 186 13.77 7.82 -3.83
N THR A 187 14.50 8.95 -3.79
CA THR A 187 14.09 10.14 -3.06
C THR A 187 14.02 11.37 -3.99
N THR A 188 13.27 12.38 -3.56
CA THR A 188 13.22 13.60 -4.28
C THR A 188 13.06 14.74 -3.30
N THR A 189 13.43 15.92 -3.76
CA THR A 189 13.18 17.13 -2.99
C THR A 189 12.27 18.08 -3.75
N ASP A 190 12.08 17.91 -5.05
CA ASP A 190 11.18 18.79 -5.80
C ASP A 190 10.05 18.06 -6.51
N LEU A 191 9.97 16.73 -6.39
CA LEU A 191 8.99 15.86 -7.05
C LEU A 191 9.26 15.64 -8.53
N LYS A 192 10.32 16.23 -9.05
CA LYS A 192 10.67 16.17 -10.48
C LYS A 192 11.93 15.34 -10.67
N LYS A 193 12.94 15.56 -9.84
CA LYS A 193 14.22 14.84 -9.96
C LYS A 193 14.28 13.78 -8.87
N TRP A 194 14.59 12.54 -9.26
CA TRP A 194 14.62 11.37 -8.38
C TRP A 194 16.08 10.88 -8.21
N SER A 195 16.47 10.61 -6.99
CA SER A 195 17.78 10.09 -6.65
C SER A 195 18.09 8.75 -7.35
N LYS A 196 19.35 8.32 -7.27
CA LYS A 196 19.67 6.95 -7.74
C LYS A 196 18.94 5.95 -6.81
N VAL A 197 18.70 4.77 -7.34
CA VAL A 197 18.03 3.69 -6.60
C VAL A 197 18.91 3.26 -5.43
N VAL A 198 18.30 3.13 -4.25
CA VAL A 198 18.93 2.65 -3.05
C VAL A 198 18.20 1.35 -2.67
N ASP A 199 18.96 0.28 -2.45
CA ASP A 199 18.41 -0.99 -1.93
C ASP A 199 17.87 -0.88 -0.49
N ASP A 200 16.70 -1.47 -0.26
CA ASP A 200 16.09 -1.51 1.07
C ASP A 200 16.07 -2.91 1.73
N THR A 201 15.98 -3.95 0.91
CA THR A 201 15.85 -5.30 1.41
C THR A 201 16.10 -6.17 0.19
N LYS A 202 17.08 -7.05 0.30
CA LYS A 202 17.33 -8.05 -0.71
C LYS A 202 17.94 -9.29 -0.08
N TYR A 203 17.76 -10.41 -0.73
CA TYR A 203 18.16 -11.69 -0.15
C TYR A 203 19.02 -12.42 -1.13
N ALA A 204 20.01 -13.11 -0.60
CA ALA A 204 21.01 -13.85 -1.39
C ALA A 204 20.43 -15.02 -2.18
N ASN A 205 19.37 -15.65 -1.70
CA ASN A 205 18.66 -16.65 -2.46
C ASN A 205 18.01 -15.99 -3.69
N TYR A 206 18.45 -16.36 -4.87
CA TYR A 206 17.93 -15.77 -6.09
C TYR A 206 16.41 -15.81 -6.14
N TYR A 207 15.81 -16.90 -5.69
CA TYR A 207 14.39 -17.07 -5.81
C TYR A 207 13.56 -16.33 -4.76
N ALA A 208 14.19 -15.71 -3.77
CA ALA A 208 13.45 -14.90 -2.79
C ALA A 208 12.79 -13.72 -3.48
N ARG A 209 11.58 -13.38 -3.05
CA ARG A 209 10.83 -12.24 -3.62
C ARG A 209 10.22 -11.38 -2.52
N PRO A 210 11.07 -10.61 -1.78
CA PRO A 210 10.50 -9.62 -0.91
C PRO A 210 9.72 -8.64 -1.73
N GLY A 211 8.59 -8.19 -1.22
CA GLY A 211 7.66 -7.40 -2.01
C GLY A 211 6.75 -6.57 -1.13
N MET A 212 6.10 -5.59 -1.76
CA MET A 212 4.92 -4.90 -1.19
C MET A 212 5.27 -4.11 0.07
N PRO A 213 6.14 -3.13 -0.09
CA PRO A 213 6.59 -2.37 1.09
C PRO A 213 5.61 -1.33 1.60
N THR A 214 5.44 -1.31 2.91
CA THR A 214 4.78 -0.22 3.58
C THR A 214 5.55 0.16 4.80
N VAL A 215 5.36 1.39 5.24
CA VAL A 215 6.19 1.97 6.29
C VAL A 215 5.35 2.82 7.23
N ALA A 216 5.68 2.77 8.51
CA ALA A 216 5.03 3.63 9.44
C ALA A 216 6.05 4.24 10.47
N LYS A 217 5.75 5.42 10.95
CA LYS A 217 6.58 6.06 11.94
C LYS A 217 6.10 5.75 13.37
N LEU A 218 7.07 5.40 14.21
CA LEU A 218 6.84 5.11 15.62
C LEU A 218 7.23 6.29 16.55
N PRO A 219 6.64 6.34 17.78
CA PRO A 219 6.86 7.48 18.71
C PRO A 219 8.25 7.56 19.36
N ASN A 220 9.07 6.53 19.25
CA ASN A 220 10.50 6.61 19.65
C ASN A 220 11.41 7.11 18.50
N ASN A 221 10.88 7.84 17.55
CA ASN A 221 11.58 8.21 16.29
C ASN A 221 12.22 7.05 15.48
N GLU A 222 11.64 5.86 15.57
CA GLU A 222 11.98 4.73 14.68
C GLU A 222 10.88 4.57 13.63
N TYR A 223 11.19 3.87 12.56
CA TYR A 223 10.24 3.54 11.51
C TYR A 223 10.19 2.07 11.42
N ILE A 224 8.97 1.56 11.20
CA ILE A 224 8.78 0.16 10.91
C ILE A 224 8.50 -0.06 9.42
N TYR A 225 9.21 -0.99 8.82
CA TYR A 225 9.12 -1.27 7.38
C TYR A 225 8.62 -2.69 7.26
N VAL A 226 7.49 -2.87 6.60
CA VAL A 226 6.81 -4.16 6.54
C VAL A 226 6.74 -4.59 5.08
N TYR A 227 6.91 -5.90 4.85
CA TYR A 227 6.89 -6.46 3.52
C TYR A 227 6.53 -7.91 3.56
N GLU A 228 6.18 -8.45 2.39
CA GLU A 228 6.00 -9.90 2.24
C GLU A 228 7.35 -10.45 1.82
N TYR A 229 7.81 -11.46 2.52
CA TYR A 229 9.08 -12.08 2.22
C TYR A 229 8.84 -13.38 1.40
N GLY A 230 8.71 -13.24 0.08
CA GLY A 230 8.46 -14.42 -0.76
C GLY A 230 9.70 -15.29 -0.72
N GLY A 231 9.52 -16.59 -0.50
CA GLY A 231 10.66 -17.48 -0.39
C GLY A 231 11.18 -17.51 1.01
N GLY A 232 10.44 -16.96 1.96
CA GLY A 232 10.98 -16.85 3.32
C GLY A 232 11.03 -18.24 3.96
N PRO A 233 11.79 -18.39 5.05
CA PRO A 233 11.89 -19.76 5.58
C PRO A 233 10.62 -20.37 6.21
N ASN A 234 10.64 -21.69 6.26
CA ASN A 234 9.67 -22.51 7.00
C ASN A 234 8.32 -22.44 6.41
N PRO A 235 8.22 -22.75 5.10
CA PRO A 235 6.92 -22.71 4.55
C PRO A 235 6.04 -23.82 5.13
N PRO A 236 4.77 -23.54 5.40
CA PRO A 236 3.91 -24.53 6.03
C PRO A 236 3.73 -25.84 5.22
N ALA A 237 3.39 -26.91 5.94
CA ALA A 237 3.32 -28.28 5.37
C ALA A 237 2.53 -28.31 4.07
N GLY A 238 3.06 -29.01 3.07
CA GLY A 238 2.39 -29.11 1.77
C GLY A 238 2.85 -28.05 0.80
N SER A 239 3.24 -26.88 1.30
CA SER A 239 3.72 -25.83 0.42
C SER A 239 5.22 -25.68 0.47
N ASP A 240 5.71 -25.17 -0.62
CA ASP A 240 7.12 -25.13 -0.93
C ASP A 240 7.70 -23.67 -0.99
N TYR A 241 6.84 -22.67 -1.08
CA TYR A 241 7.21 -21.27 -1.23
C TYR A 241 6.03 -20.50 -0.58
N TRP A 242 6.30 -19.57 0.32
CA TRP A 242 5.24 -18.76 0.89
C TRP A 242 5.76 -17.31 1.09
N PHE A 243 4.84 -16.45 1.52
CA PHE A 243 5.05 -15.01 1.57
C PHE A 243 4.78 -14.51 2.98
N PRO A 244 5.56 -15.01 3.96
CA PRO A 244 5.35 -14.53 5.31
C PRO A 244 5.68 -13.03 5.49
N VAL A 245 4.96 -12.42 6.40
CA VAL A 245 5.12 -11.00 6.67
C VAL A 245 6.30 -10.80 7.60
N TYR A 246 7.24 -9.99 7.13
CA TYR A 246 8.45 -9.60 7.86
C TYR A 246 8.51 -8.08 8.00
N TYR A 247 9.34 -7.61 8.94
CA TYR A 247 9.56 -6.21 9.16
C TYR A 247 10.98 -5.91 9.64
N ARG A 248 11.36 -4.68 9.49
CA ARG A 248 12.60 -4.16 9.94
C ARG A 248 12.33 -2.82 10.62
N LEU A 249 13.23 -2.45 11.55
CA LEU A 249 13.15 -1.21 12.31
C LEU A 249 14.40 -0.34 12.11
N SER A 250 14.18 0.96 11.93
CA SER A 250 15.31 1.87 11.72
C SER A 250 14.95 3.29 12.07
N LYS A 251 15.93 4.02 12.62
CA LYS A 251 15.77 5.43 12.89
C LYS A 251 15.75 6.22 11.58
N ASP A 252 16.60 5.81 10.67
CA ASP A 252 16.70 6.35 9.35
C ASP A 252 15.98 5.40 8.37
N PRO A 253 14.84 5.83 7.82
CA PRO A 253 14.06 4.96 6.94
C PRO A 253 14.62 4.81 5.52
N GLN A 254 15.78 5.43 5.28
CA GLN A 254 16.58 5.17 4.09
C GLN A 254 17.60 4.06 4.30
N LYS A 255 17.65 3.49 5.50
CA LYS A 255 18.67 2.51 5.83
C LYS A 255 18.06 1.25 6.42
N PHE A 256 16.97 0.75 5.84
CA PHE A 256 16.48 -0.59 6.29
C PHE A 256 17.38 -1.74 5.89
N LEU A 257 18.21 -1.56 4.87
CA LEU A 257 18.90 -2.67 4.25
C LEU A 257 19.84 -3.42 5.23
N ASN A 258 20.46 -2.67 6.14
CA ASN A 258 21.39 -3.21 7.09
C ASN A 258 20.75 -3.56 8.42
N LYS A 259 19.44 -3.56 8.54
CA LYS A 259 18.82 -3.91 9.78
C LYS A 259 18.40 -5.36 9.75
N ALA A 260 18.30 -5.93 10.95
CA ALA A 260 17.83 -7.28 11.18
C ALA A 260 16.37 -7.38 10.80
N HIS A 261 15.98 -8.53 10.33
CA HIS A 261 14.59 -8.74 9.97
C HIS A 261 13.87 -9.58 11.03
N HIS A 262 12.54 -9.45 11.08
CA HIS A 262 11.72 -10.13 12.08
C HIS A 262 10.46 -10.62 11.38
N GLN A 263 10.13 -11.89 11.54
CA GLN A 263 8.82 -12.42 11.12
C GLN A 263 7.75 -11.95 12.10
N ILE A 264 6.56 -11.68 11.59
CA ILE A 264 5.43 -11.46 12.48
C ILE A 264 4.81 -12.83 12.76
N VAL A 265 4.77 -13.17 14.06
CA VAL A 265 4.11 -14.39 14.55
C VAL A 265 3.36 -13.92 15.76
N SER A 266 2.06 -14.16 15.81
CA SER A 266 1.28 -13.67 16.95
C SER A 266 1.47 -14.64 18.14
N ASN A 267 1.09 -14.22 19.33
CA ASN A 267 1.24 -15.06 20.57
C ASN A 267 0.56 -16.43 20.52
N ASP A 268 -0.48 -16.60 19.70
CA ASP A 268 -1.05 -17.97 19.49
C ASP A 268 -0.39 -18.73 18.36
N GLY A 269 0.64 -18.16 17.76
CA GLY A 269 1.42 -18.80 16.72
C GLY A 269 0.98 -18.53 15.30
N THR A 270 -0.03 -17.69 15.09
CA THR A 270 -0.47 -17.40 13.72
C THR A 270 0.63 -16.64 12.97
N THR A 271 0.91 -17.09 11.75
CA THR A 271 1.93 -16.49 10.88
C THR A 271 1.25 -15.77 9.69
N PRO A 272 0.92 -14.48 9.79
CA PRO A 272 0.38 -13.74 8.63
C PRO A 272 1.27 -13.84 7.39
N ALA A 273 0.64 -13.95 6.23
CA ALA A 273 1.34 -14.03 4.96
C ALA A 273 0.61 -13.19 3.89
N GLY A 274 1.42 -12.61 3.02
CA GLY A 274 0.95 -11.90 1.82
C GLY A 274 0.61 -10.44 2.01
N SER A 275 0.99 -9.65 1.01
CA SER A 275 0.44 -8.31 0.80
C SER A 275 0.02 -7.51 2.07
N PRO A 276 1.01 -7.22 2.92
CA PRO A 276 0.75 -6.55 4.19
C PRO A 276 0.64 -5.05 4.07
N TYR A 277 0.04 -4.44 5.07
CA TYR A 277 -0.15 -3.04 5.16
C TYR A 277 -0.01 -2.69 6.66
N VAL A 278 0.79 -1.67 6.96
CA VAL A 278 1.04 -1.23 8.34
C VAL A 278 0.66 0.23 8.54
N VAL A 279 0.08 0.52 9.69
CA VAL A 279 -0.05 1.88 10.18
C VAL A 279 0.34 1.88 11.64
N TRP A 280 0.50 3.09 12.17
CA TRP A 280 0.70 3.30 13.59
C TRP A 280 -0.33 4.30 14.06
N THR A 281 -0.94 4.08 15.22
CA THR A 281 -1.81 5.07 15.82
C THR A 281 -1.31 5.37 17.26
N PRO A 282 -1.50 6.62 17.75
CA PRO A 282 -1.22 6.98 19.16
C PRO A 282 -2.08 6.23 20.21
N TYR A 283 -3.24 5.73 19.80
CA TYR A 283 -4.10 4.92 20.68
C TYR A 283 -3.31 3.77 21.35
N GLY A 284 -3.55 3.58 22.65
CA GLY A 284 -3.10 2.39 23.38
C GLY A 284 -1.99 2.56 24.40
N GLY A 285 -1.54 3.79 24.65
CA GLY A 285 -0.41 4.03 25.53
C GLY A 285 0.68 4.87 24.91
N LYS A 286 1.76 5.06 25.65
CA LYS A 286 2.92 5.85 25.21
C LYS A 286 3.58 5.27 23.94
N ASN A 287 3.59 3.96 23.77
CA ASN A 287 4.08 3.36 22.50
C ASN A 287 3.03 3.30 21.36
N GLY A 288 1.82 3.80 21.59
CA GLY A 288 0.74 3.68 20.63
C GLY A 288 0.53 2.23 20.23
N THR A 289 -0.11 2.02 19.09
CA THR A 289 -0.36 0.68 18.56
C THR A 289 0.05 0.58 17.08
N ILE A 290 0.93 -0.38 16.78
CA ILE A 290 1.25 -0.70 15.39
C ILE A 290 0.14 -1.66 14.95
N VAL A 291 -0.46 -1.40 13.80
CA VAL A 291 -1.49 -2.29 13.23
C VAL A 291 -1.09 -2.77 11.85
N VAL A 292 -1.17 -4.09 11.66
CA VAL A 292 -0.78 -4.71 10.45
C VAL A 292 -1.92 -5.61 9.93
N SER A 293 -2.19 -5.54 8.63
CA SER A 293 -3.08 -6.46 7.91
C SER A 293 -2.25 -7.20 6.96
N CYS A 294 -2.65 -8.43 6.65
CA CYS A 294 -2.08 -9.19 5.58
C CYS A 294 -3.22 -9.59 4.64
N GLY A 295 -2.85 -10.15 3.52
CA GLY A 295 -3.73 -10.35 2.39
C GLY A 295 -4.32 -11.75 2.27
N THR A 296 -4.06 -12.60 3.27
CA THR A 296 -4.55 -13.95 3.33
C THR A 296 -5.40 -14.27 4.54
N ARG A 297 -5.56 -13.33 5.48
CA ARG A 297 -6.51 -13.53 6.55
C ARG A 297 -7.19 -12.28 6.99
N SER A 298 -8.28 -12.43 7.73
CA SER A 298 -9.14 -11.29 8.02
C SER A 298 -8.81 -10.55 9.28
N GLU A 299 -8.01 -11.15 10.14
CA GLU A 299 -7.66 -10.49 11.38
C GLU A 299 -6.64 -9.34 11.19
N ILE A 300 -6.53 -8.53 12.23
CA ILE A 300 -5.44 -7.53 12.31
C ILE A 300 -4.46 -7.97 13.38
N PHE A 301 -3.25 -7.49 13.24
CA PHE A 301 -2.14 -7.86 14.08
C PHE A 301 -1.62 -6.57 14.66
N THR A 302 -1.49 -6.56 15.99
CA THR A 302 -1.12 -5.35 16.69
C THR A 302 0.11 -5.56 17.51
N ASN A 303 0.76 -4.44 17.81
CA ASN A 303 2.00 -4.45 18.59
C ASN A 303 2.13 -3.11 19.31
N GLN A 304 2.07 -3.20 20.63
CA GLN A 304 2.14 -2.03 21.51
C GLN A 304 3.49 -1.90 22.19
N ALA A 305 4.50 -2.60 21.69
CA ALA A 305 5.84 -2.59 22.27
C ALA A 305 6.88 -2.21 21.20
N LEU A 306 6.52 -1.28 20.32
CA LEU A 306 7.45 -0.69 19.37
C LEU A 306 8.10 -1.74 18.45
N GLY A 307 7.37 -2.80 18.17
CA GLY A 307 7.82 -3.81 17.25
C GLY A 307 8.58 -4.95 17.85
N ASP A 308 8.54 -5.05 19.18
CA ASP A 308 9.10 -6.23 19.86
C ASP A 308 8.50 -7.49 19.26
N ALA A 309 9.35 -8.41 18.84
CA ALA A 309 8.93 -9.54 18.07
C ALA A 309 8.11 -10.57 18.87
N SER A 310 8.16 -10.49 20.20
CA SER A 310 7.31 -11.36 21.04
C SER A 310 5.99 -10.74 21.46
N ALA A 311 5.70 -9.51 21.06
CA ALA A 311 4.50 -8.83 21.50
C ALA A 311 3.36 -8.67 20.45
N TRP A 312 3.34 -9.45 19.38
CA TRP A 312 2.28 -9.29 18.31
C TRP A 312 1.04 -10.03 18.77
N LYS A 313 -0.12 -9.37 18.69
CA LYS A 313 -1.43 -9.96 19.02
C LYS A 313 -2.29 -9.97 17.79
N LYS A 314 -3.30 -10.83 17.76
CA LYS A 314 -4.20 -10.97 16.65
C LYS A 314 -5.63 -10.78 17.12
N TRP A 315 -6.41 -9.96 16.40
CA TRP A 315 -7.82 -9.71 16.72
C TRP A 315 -8.73 -9.82 15.51
N ASP A 316 -9.91 -10.42 15.72
CA ASP A 316 -10.96 -10.45 14.70
C ASP A 316 -11.57 -9.08 14.38
N VAL A 317 -11.97 -8.88 13.12
CA VAL A 317 -12.65 -7.67 12.68
C VAL A 317 -13.70 -8.08 11.67
N PRO A 318 -14.71 -7.24 11.44
CA PRO A 318 -15.74 -7.57 10.49
C PRO A 318 -15.38 -7.47 8.97
N GLN A 319 -14.26 -6.85 8.63
CA GLN A 319 -13.89 -6.65 7.22
C GLN A 319 -13.31 -7.94 6.64
N PRO A 320 -13.80 -8.39 5.47
CA PRO A 320 -13.26 -9.62 4.96
C PRO A 320 -11.81 -9.57 4.49
N THR A 321 -11.23 -10.75 4.30
CA THR A 321 -9.90 -10.91 3.71
C THR A 321 -9.87 -10.32 2.30
N ALA A 322 -8.80 -9.58 1.99
CA ALA A 322 -8.55 -9.06 0.68
C ALA A 322 -7.06 -8.90 0.38
N TYR A 323 -6.73 -9.01 -0.91
CA TYR A 323 -5.37 -8.75 -1.40
C TYR A 323 -5.02 -7.31 -1.06
N THR A 324 -3.88 -7.12 -0.40
CA THR A 324 -3.36 -5.80 0.05
C THR A 324 -4.44 -4.92 0.70
N ARG A 325 -5.21 -5.56 1.55
CA ARG A 325 -6.18 -4.88 2.34
C ARG A 325 -5.47 -3.77 3.13
N SER A 326 -6.03 -2.59 3.14
CA SER A 326 -5.32 -1.44 3.62
C SER A 326 -5.97 -0.89 4.89
N LEU A 327 -5.26 0.07 5.49
CA LEU A 327 -5.64 0.59 6.81
C LEU A 327 -5.48 2.06 6.85
N LEU A 328 -6.27 2.71 7.69
CA LEU A 328 -6.17 4.13 7.83
C LEU A 328 -6.53 4.43 9.28
N THR A 329 -5.74 5.31 9.90
CA THR A 329 -6.01 5.81 11.26
C THR A 329 -6.56 7.24 11.12
N PHE A 330 -7.52 7.62 11.95
CA PHE A 330 -8.11 8.98 11.89
C PHE A 330 -7.39 9.93 12.82
N GLN A 331 -7.03 11.11 12.32
CA GLN A 331 -6.24 12.06 13.11
C GLN A 331 -6.99 12.55 14.35
N LYS A 332 -8.25 12.90 14.23
CA LYS A 332 -9.01 13.40 15.38
C LYS A 332 -9.53 12.31 16.33
N ASP A 333 -9.50 11.04 15.93
CA ASP A 333 -9.79 9.97 16.87
C ASP A 333 -8.94 8.72 16.63
N PRO A 334 -7.80 8.64 17.33
CA PRO A 334 -6.85 7.54 17.11
C PRO A 334 -7.38 6.15 17.46
N ASP A 335 -8.47 6.06 18.20
CA ASP A 335 -9.14 4.79 18.45
C ASP A 335 -9.82 4.22 17.15
N LEU A 336 -10.15 5.08 16.19
CA LEU A 336 -10.82 4.63 14.98
C LEU A 336 -9.82 4.11 13.95
N LEU A 337 -10.11 2.94 13.42
CA LEU A 337 -9.34 2.35 12.34
C LEU A 337 -10.25 1.97 11.16
N MET A 338 -9.93 2.47 9.97
CA MET A 338 -10.60 2.02 8.74
C MET A 338 -9.80 0.88 8.16
N ILE A 339 -10.54 -0.11 7.63
CA ILE A 339 -9.99 -1.27 7.02
C ILE A 339 -10.70 -1.33 5.67
N MET A 340 -9.91 -1.27 4.56
CA MET A 340 -10.51 -1.15 3.20
C MET A 340 -9.96 -2.20 2.29
N GLY A 341 -10.81 -2.82 1.47
CA GLY A 341 -10.34 -3.81 0.53
C GLY A 341 -11.14 -3.83 -0.75
N ALA A 342 -10.57 -4.47 -1.75
CA ALA A 342 -11.21 -4.61 -3.04
C ALA A 342 -11.10 -6.01 -3.53
N GLY A 343 -11.22 -6.97 -2.63
CA GLY A 343 -11.33 -8.34 -3.01
C GLY A 343 -10.03 -9.04 -3.26
N ILE A 344 -10.17 -10.15 -3.97
CA ILE A 344 -9.11 -11.09 -4.13
C ILE A 344 -8.50 -11.10 -5.52
N LEU A 345 -7.29 -11.66 -5.58
CA LEU A 345 -6.56 -11.87 -6.82
C LEU A 345 -7.36 -12.72 -7.80
N PRO A 346 -7.18 -12.47 -9.10
CA PRO A 346 -7.98 -13.25 -10.05
C PRO A 346 -7.52 -14.73 -9.96
N PRO A 347 -8.36 -15.72 -10.23
CA PRO A 347 -9.77 -15.53 -10.66
C PRO A 347 -10.70 -15.20 -9.50
N ALA A 348 -11.50 -14.15 -9.66
CA ALA A 348 -12.33 -13.62 -8.56
C ALA A 348 -13.80 -13.88 -8.80
N GLY A 349 -14.11 -14.43 -9.97
CA GLY A 349 -15.45 -14.98 -10.20
C GLY A 349 -16.52 -13.90 -10.31
N GLY A 350 -16.11 -12.65 -10.60
CA GLY A 350 -17.08 -11.57 -10.71
C GLY A 350 -17.49 -11.00 -9.34
N LYS A 351 -16.82 -11.41 -8.26
CA LYS A 351 -17.33 -11.11 -6.93
C LYS A 351 -16.60 -10.00 -6.17
N ASN A 352 -15.50 -9.50 -6.69
CA ASN A 352 -14.83 -8.38 -5.97
C ASN A 352 -15.67 -7.14 -5.94
N THR A 353 -15.69 -6.47 -4.78
CA THR A 353 -16.23 -5.11 -4.67
C THR A 353 -15.24 -4.34 -3.80
N VAL A 354 -15.38 -3.04 -3.85
CA VAL A 354 -14.58 -2.18 -2.95
C VAL A 354 -15.45 -1.86 -1.76
N SER A 355 -14.95 -2.10 -0.56
CA SER A 355 -15.73 -1.89 0.65
C SER A 355 -14.83 -1.53 1.78
N ALA A 356 -15.43 -1.08 2.88
CA ALA A 356 -14.66 -0.69 4.06
C ALA A 356 -15.45 -0.85 5.32
N SER A 357 -14.73 -0.92 6.43
CA SER A 357 -15.30 -0.96 7.79
C SER A 357 -14.49 0.04 8.63
N VAL A 358 -15.13 0.64 9.62
CA VAL A 358 -14.42 1.44 10.62
C VAL A 358 -14.73 0.81 11.97
N VAL A 359 -13.70 0.45 12.68
CA VAL A 359 -13.78 -0.20 13.99
C VAL A 359 -13.08 0.67 15.03
N ARG A 360 -13.32 0.36 16.31
CA ARG A 360 -12.60 0.95 17.43
C ARG A 360 -11.67 -0.07 17.97
N LEU A 361 -10.41 0.32 18.12
CA LEU A 361 -9.43 -0.60 18.68
C LEU A 361 -9.73 -1.02 20.15
N SER A 362 -10.21 -0.05 20.92
CA SER A 362 -10.68 -0.30 22.28
C SER A 362 -11.82 -1.35 22.33
N GLU A 363 -12.61 -1.48 21.28
CA GLU A 363 -13.63 -2.53 21.22
C GLU A 363 -13.06 -3.82 20.63
N VAL A 364 -12.25 -3.70 19.58
CA VAL A 364 -11.65 -4.87 18.90
C VAL A 364 -10.65 -5.61 19.76
N MET A 365 -9.86 -4.87 20.55
CA MET A 365 -8.77 -5.44 21.31
C MET A 365 -9.22 -5.81 22.75
N LYS A 366 -10.26 -6.64 22.91
CA LYS A 366 -10.79 -7.05 24.23
C LYS A 366 -10.52 -8.54 24.53
#